data_8X9L
#
_entry.id   8X9L
#
_cell.length_a   1.00
_cell.length_b   1.00
_cell.length_c   1.00
_cell.angle_alpha   90.00
_cell.angle_beta   90.00
_cell.angle_gamma   90.00
#
_symmetry.space_group_name_H-M   'P 1'
#
loop_
_entity.id
_entity.type
_entity.pdbx_description
1 polymer 'RNA (219-MER)'
2 polymer 'RNA (590-MER)'
3 non-polymer 'CALCIUM ION'
4 non-polymer 'POTASSIUM ION'
5 water water
#
loop_
_entity_poly.entity_id
_entity_poly.type
_entity_poly.pdbx_seq_one_letter_code
_entity_poly.pdbx_strand_id
1 'polyribonucleotide'
;GCCGGGGCGCCACCCCGGAAGUGAUGCGAGUCGCAACUCGCAUCACAAGCAAACGCUGUAGCCGCGUGCCUCUAAUAGGG
CUGGCGCGGUUGCGAAGGGCGCUGGUGAGUGCAACUCUCACCUUCGACCCAAUCCAUCUUGCGGCUCAACCCCGCAAGAU
CAUCGCCAGACCGCUGGCGGCGUACUGAGUGACAAACGAGGCAAAACCAAAUAGAAGUU
;
E
2 'polyribonucleotide'
;GGGCGACCGUGAAACGGCGCUGGGCAGGAAAUGGCCCAGUGACCUGGUCAAUGGUGAAAAUCGGUGAAAGACCGACCGGU
GGGGCGUAUCGAAAGAGCGCAACGCCUGCCGCACAGGAUGGCUUCUGAGGUACCGGUGACGGUACAGAACGCGGAGGGGA
AACCUGGAAGCGAGGGCACCUCGGGAAACCGGGGGUCGAUGCAUAGCUCAAACCUGUAACGGCACCAGUGAAAGGUGCUG
UGCGGAGCAACGUGGAGCCACAGGCAUGAAGCCGUGGUUCGUAGUCGAUGAGACAAGCGGUGAGUAAGGGAAGGGCUUGC
GAACAUCGCCUCCCCGAAAUCCAAGGAAAGCCGAAAGGCUAGCCGCUUUGUUGAGACAGUGGCGCCACGUUGCGCAUUAG
CCGUGACCUAAACGGGGAACCUCUUGGCCGUACCGACUCGGGUGGCACCGGUCGGGCUCGAUGGCUCAAGAGGGGGAGAU
GUGAUGAUUAGGGUUUGACCCGUGAUGCGAUACGACCGAAGCAUCCGGGGAGCUGUCUGACGAAGAGUCGGCAGCAGUGG
GUUUGGCGACCCGCUCCGAAAGUCGCAAGC
;
A
#